data_5BQB
#
_entry.id   5BQB
#
_cell.length_a   86.761
_cell.length_b   38.095
_cell.length_c   177.197
_cell.angle_alpha   90.000
_cell.angle_beta   93.970
_cell.angle_gamma   90.000
#
_symmetry.space_group_name_H-M   'C 1 2 1'
#
loop_
_entity.id
_entity.type
_entity.pdbx_description
1 polymer Norrin
2 non-polymer 'CITRIC ACID'
3 non-polymer 'CHLORIDE ION'
4 water water
#
_entity_poly.entity_id   1
_entity_poly.type   'polypeptide(L)'
_entity_poly.pdbx_seq_one_letter_code
;GPGKTDSSFIMDSDPRRCMRHHYVDSISHPLYKCSSKMVLLARCEGHCSQASRSEPLVSFSTVLKQPFRSSCHCCRPQTS
KLKALRLRCSGGMRLTATYRYILSCHCEECNSGTETSQVAPA
;
_entity_poly.pdbx_strand_id   A,B,C,D
#
# COMPACT_ATOMS: atom_id res chain seq x y z
N ASP A 14 -13.97 34.33 -10.29
CA ASP A 14 -12.65 34.89 -10.04
C ASP A 14 -11.85 34.09 -9.05
N PRO A 15 -12.47 32.90 -8.60
CA PRO A 15 -11.61 32.14 -7.68
C PRO A 15 -10.43 31.64 -8.47
N ARG A 16 -9.67 30.79 -7.81
CA ARG A 16 -8.38 30.34 -8.23
C ARG A 16 -8.64 29.26 -9.23
N ARG A 17 -9.17 29.63 -10.37
CA ARG A 17 -9.60 28.59 -11.30
C ARG A 17 -8.68 28.60 -12.51
N CYS A 18 -8.97 27.72 -13.46
CA CYS A 18 -8.13 27.58 -14.64
C CYS A 18 -8.23 28.80 -15.55
N MET A 19 -7.14 29.54 -15.65
CA MET A 19 -7.11 30.72 -16.51
C MET A 19 -5.68 31.03 -16.95
N ARG A 20 -5.57 32.04 -17.82
CA ARG A 20 -4.29 32.42 -18.40
C ARG A 20 -3.57 33.42 -17.50
N HIS A 21 -2.24 33.35 -17.48
CA HIS A 21 -1.41 34.33 -16.76
C HIS A 21 -0.29 34.81 -17.67
N HIS A 22 -0.07 36.12 -17.71
CA HIS A 22 0.99 36.69 -18.54
C HIS A 22 2.25 36.96 -17.72
N TYR A 23 3.40 36.76 -18.36
CA TYR A 23 4.69 37.09 -17.74
C TYR A 23 5.71 37.33 -18.84
N VAL A 24 6.70 38.16 -18.57
CA VAL A 24 7.74 38.40 -19.54
C VAL A 24 8.92 37.52 -19.13
N ASP A 25 9.57 36.93 -20.12
CA ASP A 25 10.63 35.98 -19.88
C ASP A 25 11.80 36.27 -20.80
N SER A 26 13.01 35.97 -20.31
CA SER A 26 14.21 36.11 -21.13
C SER A 26 14.51 34.79 -21.82
N ILE A 27 14.51 34.80 -23.15
CA ILE A 27 14.86 33.62 -23.94
C ILE A 27 16.36 33.58 -24.16
N SER A 28 16.97 32.43 -23.87
CA SER A 28 18.40 32.24 -24.09
C SER A 28 18.67 30.80 -24.51
N HIS A 29 19.74 30.59 -25.27
CA HIS A 29 20.13 29.23 -25.64
C HIS A 29 20.69 28.53 -24.40
N PRO A 30 20.37 27.24 -24.23
CA PRO A 30 20.88 26.52 -23.05
C PRO A 30 22.37 26.20 -23.11
N LEU A 31 22.98 26.28 -24.28
CA LEU A 31 24.39 25.95 -24.49
C LEU A 31 25.20 27.17 -24.96
N TYR A 32 24.78 27.80 -26.05
CA TYR A 32 25.53 28.89 -26.65
C TYR A 32 25.37 30.20 -25.89
N LYS A 33 26.39 31.04 -25.97
CA LYS A 33 26.31 32.40 -25.48
C LYS A 33 25.58 33.25 -26.51
N CYS A 34 24.50 33.90 -26.07
CA CYS A 34 23.70 34.73 -26.96
C CYS A 34 23.18 35.97 -26.24
N SER A 35 22.97 37.04 -27.00
CA SER A 35 22.26 38.20 -26.49
C SER A 35 20.81 37.79 -26.29
N SER A 36 20.39 37.72 -25.03
CA SER A 36 19.04 37.26 -24.72
C SER A 36 17.98 38.26 -25.17
N LYS A 37 16.76 37.75 -25.39
CA LYS A 37 15.64 38.58 -25.79
C LYS A 37 14.48 38.41 -24.81
N MET A 38 13.91 39.54 -24.40
CA MET A 38 12.74 39.54 -23.54
C MET A 38 11.48 39.47 -24.38
N VAL A 39 10.54 38.65 -23.94
CA VAL A 39 9.37 38.33 -24.72
C VAL A 39 8.20 38.18 -23.78
N LEU A 40 6.99 38.44 -24.27
CA LEU A 40 5.80 38.23 -23.46
C LEU A 40 5.28 36.81 -23.67
N LEU A 41 5.08 36.10 -22.56
CA LEU A 41 4.57 34.73 -22.60
C LEU A 41 3.28 34.63 -21.82
N ALA A 42 2.56 33.53 -22.04
CA ALA A 42 1.40 33.20 -21.22
C ALA A 42 1.49 31.75 -20.77
N ARG A 43 0.93 31.45 -19.60
CA ARG A 43 0.84 30.08 -19.12
C ARG A 43 -0.56 29.84 -18.57
N CYS A 44 -0.92 28.56 -18.47
CA CYS A 44 -2.16 28.17 -17.83
C CYS A 44 -1.87 27.81 -16.39
N GLU A 45 -2.74 28.23 -15.47
CA GLU A 45 -2.63 27.83 -14.08
C GLU A 45 -3.96 27.99 -13.36
N GLY A 46 -4.29 27.03 -12.51
CA GLY A 46 -5.52 27.12 -11.73
C GLY A 46 -5.94 25.81 -11.10
N HIS A 47 -7.12 25.84 -10.46
CA HIS A 47 -7.72 24.66 -9.85
C HIS A 47 -9.03 24.31 -10.57
N CYS A 48 -9.01 23.22 -11.34
CA CYS A 48 -10.22 22.75 -12.00
C CYS A 48 -11.23 22.29 -10.96
N SER A 49 -12.50 22.57 -11.22
CA SER A 49 -13.56 22.27 -10.26
C SER A 49 -13.79 20.76 -10.14
N GLN A 50 -13.63 20.07 -11.24
CA GLN A 50 -13.92 18.65 -11.26
C GLN A 50 -13.01 17.88 -10.37
N ALA A 51 -13.57 16.98 -9.59
CA ALA A 51 -12.81 16.04 -8.78
C ALA A 51 -12.15 14.99 -9.66
N SER A 52 -10.94 14.58 -9.28
CA SER A 52 -10.28 13.47 -9.95
C SER A 52 -10.70 12.17 -9.28
N ARG A 53 -10.65 11.07 -10.02
CA ARG A 53 -11.06 9.77 -9.47
C ARG A 53 -10.39 8.61 -10.19
N SER A 54 -10.40 7.45 -9.55
CA SER A 54 -9.79 6.25 -10.11
C SER A 54 -10.46 5.01 -9.53
N GLU A 55 -11.01 4.18 -10.42
CA GLU A 55 -11.75 2.99 -10.03
C GLU A 55 -11.07 1.74 -10.57
N PRO A 56 -11.25 0.60 -9.90
CA PRO A 56 -10.67 -0.65 -10.40
C PRO A 56 -11.44 -1.19 -11.59
N LEU A 57 -10.73 -1.76 -12.56
CA LEU A 57 -11.37 -2.46 -13.67
C LEU A 57 -11.37 -3.95 -13.38
N VAL A 58 -12.33 -4.66 -13.94
CA VAL A 58 -12.38 -6.12 -13.84
C VAL A 58 -12.00 -6.73 -15.18
N SER A 59 -11.34 -7.88 -15.14
CA SER A 59 -10.95 -8.57 -16.36
C SER A 59 -10.92 -10.06 -16.14
N PHE A 60 -11.23 -10.78 -17.19
CA PHE A 60 -11.23 -12.21 -17.20
C PHE A 60 -10.08 -12.77 -17.98
N SER A 61 -9.17 -11.90 -18.36
CA SER A 61 -7.89 -12.32 -18.88
C SER A 61 -6.94 -12.50 -17.75
N THR A 62 -5.69 -12.68 -18.12
CA THR A 62 -4.60 -12.60 -17.18
C THR A 62 -4.67 -11.14 -16.72
N VAL A 63 -3.98 -10.82 -15.65
CA VAL A 63 -4.20 -9.56 -14.98
C VAL A 63 -4.00 -8.41 -15.94
N LEU A 64 -4.76 -7.34 -15.78
CA LEU A 64 -4.64 -6.19 -16.68
C LEU A 64 -3.39 -5.37 -16.38
N LYS A 65 -2.79 -4.85 -17.43
CA LYS A 65 -1.59 -4.03 -17.30
C LYS A 65 -1.95 -2.70 -16.68
N GLN A 66 -3.10 -2.15 -17.10
CA GLN A 66 -3.66 -0.95 -16.48
C GLN A 66 -4.94 -1.33 -15.75
N PRO A 67 -4.87 -1.50 -14.42
CA PRO A 67 -6.04 -2.01 -13.70
C PRO A 67 -7.07 -0.95 -13.32
N PHE A 68 -6.86 0.31 -13.69
CA PHE A 68 -7.75 1.39 -13.22
C PHE A 68 -8.26 2.27 -14.35
N ARG A 69 -9.52 2.66 -14.25
CA ARG A 69 -10.10 3.69 -15.11
C ARG A 69 -10.17 4.98 -14.31
N SER A 70 -9.65 6.05 -14.90
CA SER A 70 -9.42 7.30 -14.18
C SER A 70 -10.03 8.50 -14.90
N SER A 71 -10.37 9.50 -14.10
CA SER A 71 -10.75 10.81 -14.60
C SER A 71 -9.99 11.88 -13.83
N CYS A 72 -9.37 12.81 -14.55
CA CYS A 72 -8.60 13.88 -13.93
C CYS A 72 -8.54 15.06 -14.89
N HIS A 73 -8.98 16.22 -14.42
CA HIS A 73 -9.00 17.43 -15.25
C HIS A 73 -7.81 18.33 -14.92
N CYS A 74 -7.14 18.81 -15.97
CA CYS A 74 -5.95 19.62 -15.82
C CYS A 74 -6.09 20.91 -16.60
N CYS A 75 -5.56 22.00 -16.05
CA CYS A 75 -5.60 23.29 -16.72
C CYS A 75 -4.55 23.33 -17.82
N ARG A 76 -5.01 23.36 -19.07
CA ARG A 76 -4.12 23.24 -20.21
C ARG A 76 -4.44 24.28 -21.28
N PRO A 77 -3.49 24.52 -22.19
CA PRO A 77 -3.75 25.43 -23.30
C PRO A 77 -4.82 24.88 -24.23
N GLN A 78 -5.85 25.67 -24.50
CA GLN A 78 -6.92 25.28 -25.41
C GLN A 78 -6.58 25.74 -26.82
N THR A 79 -6.11 26.97 -26.91
CA THR A 79 -5.63 27.54 -28.17
C THR A 79 -4.27 28.21 -27.96
N SER A 80 -3.48 28.26 -29.03
CA SER A 80 -2.15 28.85 -28.97
C SER A 80 -1.70 29.29 -30.37
N LYS A 81 -0.68 30.14 -30.39
CA LYS A 81 -0.11 30.66 -31.63
C LYS A 81 1.38 30.34 -31.67
N LEU A 82 1.86 29.79 -32.78
CA LEU A 82 3.27 29.46 -32.92
C LEU A 82 4.12 30.71 -33.18
N LYS A 83 5.15 30.89 -32.38
CA LYS A 83 6.06 32.05 -32.48
C LYS A 83 7.47 31.59 -32.83
N ALA A 84 8.23 32.48 -33.48
CA ALA A 84 9.64 32.27 -33.73
C ALA A 84 10.43 33.51 -33.30
N LEU A 85 11.70 33.31 -32.97
CA LEU A 85 12.53 34.38 -32.43
C LEU A 85 14.00 34.17 -32.81
N ARG A 86 14.61 35.18 -33.43
CA ARG A 86 16.02 35.07 -33.82
C ARG A 86 16.89 35.60 -32.68
N LEU A 87 17.85 34.78 -32.26
CA LEU A 87 18.78 35.16 -31.19
C LEU A 87 20.16 35.42 -31.78
N ARG A 88 20.77 36.55 -31.43
CA ARG A 88 22.13 36.86 -31.85
C ARG A 88 23.14 36.21 -30.90
N CYS A 89 24.03 35.38 -31.44
CA CYS A 89 24.92 34.58 -30.62
C CYS A 89 26.40 34.84 -30.93
N SER A 90 27.24 34.56 -29.93
CA SER A 90 28.63 34.99 -29.93
C SER A 90 29.43 34.63 -31.17
N GLY A 91 29.20 33.44 -31.73
CA GLY A 91 29.98 32.98 -32.86
C GLY A 91 29.63 33.67 -34.16
N GLY A 92 28.86 34.77 -34.07
CA GLY A 92 28.35 35.44 -35.25
C GLY A 92 27.18 34.66 -35.83
N MET A 93 26.73 33.65 -35.09
CA MET A 93 25.68 32.76 -35.57
C MET A 93 24.30 33.31 -35.22
N ARG A 94 23.33 32.99 -36.06
CA ARG A 94 21.94 33.36 -35.82
C ARG A 94 21.16 32.10 -35.49
N LEU A 95 20.57 32.07 -34.30
CA LEU A 95 19.80 30.93 -33.84
C LEU A 95 18.33 31.30 -33.72
N THR A 96 17.48 30.42 -34.24
CA THR A 96 16.04 30.64 -34.24
C THR A 96 15.37 29.73 -33.20
N ALA A 97 14.65 30.33 -32.26
CA ALA A 97 13.85 29.57 -31.30
C ALA A 97 12.39 29.58 -31.72
N THR A 98 11.62 28.58 -31.30
CA THR A 98 10.17 28.61 -31.49
C THR A 98 9.49 28.24 -30.18
N TYR A 99 8.32 28.83 -29.96
CA TYR A 99 7.51 28.54 -28.78
C TYR A 99 6.06 28.84 -29.13
N ARG A 100 5.14 28.38 -28.30
CA ARG A 100 3.73 28.63 -28.52
C ARG A 100 3.21 29.67 -27.56
N TYR A 101 2.67 30.75 -28.11
CA TYR A 101 1.99 31.75 -27.30
C TYR A 101 0.58 31.27 -27.00
N ILE A 102 0.30 31.00 -25.73
CA ILE A 102 -1.01 30.49 -25.33
C ILE A 102 -2.05 31.61 -25.38
N LEU A 103 -3.21 31.28 -25.95
CA LEU A 103 -4.29 32.26 -26.20
C LEU A 103 -5.48 32.00 -25.29
N SER A 104 -5.70 30.74 -24.93
CA SER A 104 -6.80 30.37 -24.05
C SER A 104 -6.51 29.10 -23.29
N CYS A 105 -7.06 29.00 -22.08
CA CYS A 105 -6.87 27.83 -21.22
C CYS A 105 -8.22 27.20 -20.87
N HIS A 106 -8.20 25.90 -20.55
CA HIS A 106 -9.40 25.23 -20.08
C HIS A 106 -9.04 23.93 -19.39
N CYS A 107 -9.99 23.38 -18.64
CA CYS A 107 -9.79 22.12 -17.95
C CYS A 107 -10.06 20.93 -18.86
N GLU A 108 -9.08 20.05 -18.96
CA GLU A 108 -9.10 18.97 -19.93
C GLU A 108 -8.62 17.68 -19.27
N GLU A 109 -9.10 16.54 -19.77
CA GLU A 109 -8.74 15.23 -19.22
C GLU A 109 -7.25 14.97 -19.31
N CYS A 110 -6.69 14.43 -18.23
CA CYS A 110 -5.27 14.17 -18.12
C CYS A 110 -4.73 13.31 -19.26
N ASN A 111 -5.50 12.30 -19.66
CA ASN A 111 -5.01 11.33 -20.65
C ASN A 111 -4.75 11.94 -22.02
N SER A 112 -5.67 12.79 -22.49
CA SER A 112 -5.59 13.34 -23.84
C SER A 112 -4.88 14.70 -23.84
N PRO B 15 -13.94 20.41 2.20
CA PRO B 15 -12.78 19.52 2.35
C PRO B 15 -12.55 18.67 1.10
N ARG B 16 -13.26 17.54 1.01
CA ARG B 16 -13.32 16.71 -0.20
C ARG B 16 -11.98 16.59 -0.93
N ARG B 17 -10.93 16.25 -0.17
CA ARG B 17 -9.60 16.03 -0.72
C ARG B 17 -9.47 14.59 -1.19
N CYS B 18 -8.32 14.26 -1.77
CA CYS B 18 -8.08 12.91 -2.27
C CYS B 18 -8.24 11.89 -1.16
N MET B 19 -9.37 11.19 -1.18
CA MET B 19 -9.72 10.21 -0.16
C MET B 19 -9.93 8.83 -0.77
N ARG B 20 -9.86 7.79 0.06
CA ARG B 20 -10.23 6.46 -0.35
C ARG B 20 -11.70 6.26 0.02
N HIS B 21 -12.45 5.53 -0.81
CA HIS B 21 -13.89 5.36 -0.58
C HIS B 21 -14.31 3.91 -0.80
N HIS B 22 -15.15 3.39 0.08
CA HIS B 22 -15.67 2.03 -0.06
C HIS B 22 -17.00 2.04 -0.81
N TYR B 23 -17.25 0.98 -1.57
CA TYR B 23 -18.56 0.78 -2.20
C TYR B 23 -18.68 -0.68 -2.59
N VAL B 24 -19.90 -1.16 -2.75
CA VAL B 24 -20.15 -2.53 -3.18
C VAL B 24 -20.72 -2.55 -4.59
N ASP B 25 -20.35 -3.57 -5.35
CA ASP B 25 -20.81 -3.72 -6.72
C ASP B 25 -20.91 -5.20 -7.05
N SER B 26 -21.66 -5.52 -8.10
CA SER B 26 -21.81 -6.91 -8.52
C SER B 26 -21.06 -7.17 -9.82
N ILE B 27 -20.17 -8.16 -9.79
CA ILE B 27 -19.34 -8.49 -10.94
C ILE B 27 -20.08 -9.44 -11.87
N SER B 28 -20.17 -9.06 -13.16
CA SER B 28 -20.77 -9.89 -14.18
C SER B 28 -19.80 -10.03 -15.35
N HIS B 29 -19.93 -11.10 -16.12
CA HIS B 29 -19.21 -11.18 -17.39
C HIS B 29 -19.96 -10.32 -18.40
N PRO B 30 -19.24 -9.47 -19.14
CA PRO B 30 -19.93 -8.58 -20.09
C PRO B 30 -20.52 -9.31 -21.29
N LEU B 31 -20.15 -10.57 -21.49
CA LEU B 31 -20.60 -11.34 -22.64
C LEU B 31 -21.41 -12.57 -22.25
N TYR B 32 -20.86 -13.39 -21.36
CA TYR B 32 -21.51 -14.63 -20.96
C TYR B 32 -22.56 -14.40 -19.88
N LYS B 33 -23.41 -15.40 -19.67
CA LYS B 33 -24.45 -15.35 -18.65
C LYS B 33 -23.96 -16.03 -17.39
N CYS B 34 -23.88 -15.29 -16.29
CA CYS B 34 -23.37 -15.84 -15.03
C CYS B 34 -24.14 -15.34 -13.83
N SER B 35 -24.02 -16.06 -12.73
CA SER B 35 -24.62 -15.67 -11.46
C SER B 35 -23.87 -14.44 -10.92
N SER B 36 -24.60 -13.36 -10.68
CA SER B 36 -23.98 -12.15 -10.14
C SER B 36 -23.37 -12.37 -8.76
N LYS B 37 -22.08 -12.07 -8.65
CA LYS B 37 -21.38 -12.07 -7.37
C LYS B 37 -21.09 -10.64 -6.98
N MET B 38 -21.49 -10.25 -5.76
CA MET B 38 -21.26 -8.90 -5.30
C MET B 38 -20.14 -8.84 -4.27
N VAL B 39 -19.29 -7.84 -4.43
CA VAL B 39 -18.01 -7.77 -3.74
C VAL B 39 -17.73 -6.35 -3.26
N LEU B 40 -16.96 -6.23 -2.19
CA LEU B 40 -16.58 -4.93 -1.67
C LEU B 40 -15.39 -4.38 -2.43
N LEU B 41 -15.53 -3.16 -2.94
CA LEU B 41 -14.46 -2.50 -3.69
C LEU B 41 -14.04 -1.20 -3.01
N ALA B 42 -12.97 -0.60 -3.53
CA ALA B 42 -12.54 0.72 -3.10
C ALA B 42 -12.13 1.55 -4.30
N ARG B 43 -12.37 2.85 -4.22
CA ARG B 43 -11.93 3.79 -5.25
C ARG B 43 -11.28 5.01 -4.62
N CYS B 44 -10.48 5.71 -5.41
CA CYS B 44 -9.89 6.97 -4.99
C CYS B 44 -10.68 8.12 -5.56
N GLU B 45 -10.92 9.15 -4.74
CA GLU B 45 -11.66 10.32 -5.20
C GLU B 45 -11.41 11.53 -4.32
N GLY B 46 -11.33 12.70 -4.94
CA GLY B 46 -11.18 13.95 -4.22
C GLY B 46 -10.58 15.06 -5.06
N HIS B 47 -10.26 16.17 -4.39
CA HIS B 47 -9.62 17.32 -5.02
C HIS B 47 -8.21 17.50 -4.48
N CYS B 48 -7.22 17.25 -5.34
CA CYS B 48 -5.84 17.52 -4.98
C CYS B 48 -5.63 19.01 -4.84
N SER B 49 -4.88 19.41 -3.83
CA SER B 49 -4.76 20.83 -3.49
C SER B 49 -3.92 21.59 -4.49
N GLN B 50 -2.87 20.96 -4.99
CA GLN B 50 -1.97 21.63 -5.88
C GLN B 50 -2.69 22.11 -7.09
N ALA B 51 -2.40 23.31 -7.51
CA ALA B 51 -2.93 23.81 -8.77
C ALA B 51 -2.28 23.07 -9.94
N SER B 52 -2.99 22.95 -11.06
CA SER B 52 -2.36 22.44 -12.28
C SER B 52 -1.94 23.62 -13.14
N ARG B 53 -0.86 23.45 -13.90
CA ARG B 53 -0.33 24.53 -14.71
C ARG B 53 0.28 23.99 -16.00
N SER B 54 0.43 24.88 -16.98
CA SER B 54 1.04 24.51 -18.24
C SER B 54 1.69 25.74 -18.88
N GLU B 55 3.00 25.65 -19.12
CA GLU B 55 3.75 26.76 -19.67
C GLU B 55 4.54 26.29 -20.90
N PRO B 56 4.84 27.22 -21.81
CA PRO B 56 5.49 26.83 -23.07
C PRO B 56 6.96 26.46 -22.91
N LEU B 57 7.42 25.47 -23.69
CA LEU B 57 8.84 25.16 -23.78
C LEU B 57 9.43 25.90 -24.97
N VAL B 58 10.73 26.19 -24.91
CA VAL B 58 11.43 26.84 -26.01
C VAL B 58 12.33 25.83 -26.71
N SER B 59 12.28 25.81 -28.04
CA SER B 59 13.08 24.87 -28.82
C SER B 59 13.93 25.57 -29.87
N PHE B 60 15.21 25.22 -29.92
CA PHE B 60 16.12 25.76 -30.91
C PHE B 60 16.39 24.71 -31.99
N SER B 61 15.81 23.53 -31.80
CA SER B 61 16.04 22.41 -32.71
C SER B 61 14.88 22.23 -33.69
N THR B 62 13.68 22.01 -33.17
CA THR B 62 12.51 21.78 -34.00
C THR B 62 11.24 22.37 -33.40
N VAL B 63 10.16 22.38 -34.20
CA VAL B 63 8.83 22.61 -33.62
C VAL B 63 8.60 21.45 -32.67
N LEU B 64 8.10 21.74 -31.47
CA LEU B 64 7.96 20.70 -30.44
C LEU B 64 6.66 19.95 -30.56
N LYS B 65 6.78 18.69 -30.96
CA LYS B 65 5.75 17.68 -30.80
C LYS B 65 4.95 17.90 -29.52
N GLN B 66 5.63 18.13 -28.42
CA GLN B 66 4.93 18.56 -27.25
C GLN B 66 5.51 19.88 -26.81
N PRO B 67 4.73 20.93 -26.99
CA PRO B 67 5.26 22.28 -26.78
C PRO B 67 5.17 22.80 -25.35
N PHE B 68 4.57 22.02 -24.46
CA PHE B 68 4.23 22.52 -23.13
C PHE B 68 4.79 21.67 -21.99
N ARG B 69 5.27 22.38 -20.97
CA ARG B 69 5.68 21.80 -19.70
C ARG B 69 4.54 21.98 -18.71
N SER B 70 4.02 20.87 -18.17
CA SER B 70 2.84 20.94 -17.30
C SER B 70 2.95 20.11 -16.03
N SER B 71 2.14 20.49 -15.04
CA SER B 71 2.03 19.76 -13.78
C SER B 71 0.55 19.60 -13.48
N CYS B 72 0.15 18.40 -13.10
CA CYS B 72 -1.24 18.13 -12.76
C CYS B 72 -1.32 16.94 -11.82
N HIS B 73 -1.94 17.17 -10.67
CA HIS B 73 -2.05 16.14 -9.65
C HIS B 73 -3.44 15.51 -9.65
N CYS B 74 -3.46 14.18 -9.67
CA CYS B 74 -4.68 13.39 -9.76
C CYS B 74 -4.80 12.41 -8.61
N CYS B 75 -6.04 12.18 -8.17
CA CYS B 75 -6.29 11.27 -7.07
C CYS B 75 -6.28 9.84 -7.56
N ARG B 76 -5.27 9.08 -7.13
CA ARG B 76 -5.02 7.75 -7.67
C ARG B 76 -4.63 6.77 -6.57
N PRO B 77 -4.79 5.47 -6.85
CA PRO B 77 -4.38 4.45 -5.88
C PRO B 77 -2.87 4.43 -5.65
N GLN B 78 -2.46 4.52 -4.40
CA GLN B 78 -1.05 4.50 -4.06
C GLN B 78 -0.58 3.06 -3.89
N THR B 79 -1.41 2.26 -3.23
CA THR B 79 -1.12 0.84 -3.07
C THR B 79 -2.45 0.09 -3.18
N SER B 80 -2.38 -1.16 -3.63
CA SER B 80 -3.59 -1.95 -3.85
C SER B 80 -3.26 -3.42 -3.78
N LYS B 81 -4.30 -4.23 -3.56
CA LYS B 81 -4.16 -5.67 -3.41
C LYS B 81 -4.92 -6.39 -4.51
N LEU B 82 -4.25 -7.30 -5.22
CA LEU B 82 -4.87 -8.04 -6.30
C LEU B 82 -5.82 -9.10 -5.77
N LYS B 83 -7.02 -9.16 -6.36
CA LYS B 83 -8.06 -10.07 -5.94
C LYS B 83 -8.50 -10.95 -7.10
N ALA B 84 -8.82 -12.21 -6.81
CA ALA B 84 -9.39 -13.12 -7.80
C ALA B 84 -10.83 -13.46 -7.42
N LEU B 85 -11.65 -13.75 -8.42
CA LEU B 85 -13.08 -13.95 -8.20
C LEU B 85 -13.67 -14.94 -9.21
N ARG B 86 -14.17 -16.07 -8.71
CA ARG B 86 -14.71 -17.12 -9.57
C ARG B 86 -16.22 -16.97 -9.72
N LEU B 87 -16.70 -17.00 -10.97
CA LEU B 87 -18.12 -16.83 -11.26
C LEU B 87 -18.75 -18.12 -11.72
N ARG B 88 -19.93 -18.41 -11.16
CA ARG B 88 -20.71 -19.56 -11.59
C ARG B 88 -21.42 -19.16 -12.87
N CYS B 89 -20.84 -19.55 -14.01
CA CYS B 89 -21.36 -19.15 -15.31
C CYS B 89 -22.16 -20.31 -15.90
N SER B 90 -23.29 -20.00 -16.52
CA SER B 90 -24.20 -21.02 -17.04
C SER B 90 -23.50 -21.98 -18.00
N GLY B 91 -23.99 -23.21 -18.07
CA GLY B 91 -23.31 -24.26 -18.79
C GLY B 91 -22.30 -24.96 -17.89
N GLY B 92 -22.54 -24.87 -16.59
CA GLY B 92 -21.64 -25.44 -15.59
C GLY B 92 -20.25 -24.84 -15.65
N MET B 93 -20.17 -23.60 -16.11
CA MET B 93 -18.88 -22.94 -16.28
C MET B 93 -18.43 -22.18 -15.03
N ARG B 94 -17.24 -22.53 -14.57
CA ARG B 94 -16.55 -21.74 -13.55
C ARG B 94 -15.58 -20.82 -14.29
N LEU B 95 -15.64 -19.53 -13.97
CA LEU B 95 -14.86 -18.50 -14.66
C LEU B 95 -14.32 -17.51 -13.65
N THR B 96 -13.08 -17.04 -13.86
CA THR B 96 -12.37 -16.29 -12.84
C THR B 96 -12.13 -14.87 -13.34
N ALA B 97 -12.25 -13.90 -12.43
CA ALA B 97 -12.01 -12.49 -12.73
C ALA B 97 -10.96 -11.95 -11.78
N THR B 98 -10.15 -11.01 -12.25
CA THR B 98 -9.17 -10.34 -11.40
C THR B 98 -9.47 -8.85 -11.34
N TYR B 99 -9.09 -8.22 -10.24
CA TYR B 99 -9.23 -6.79 -10.05
C TYR B 99 -8.37 -6.42 -8.86
N ARG B 100 -8.17 -5.13 -8.65
CA ARG B 100 -7.32 -4.67 -7.55
C ARG B 100 -8.13 -3.91 -6.52
N TYR B 101 -8.06 -4.40 -5.28
CA TYR B 101 -8.68 -3.71 -4.15
C TYR B 101 -7.76 -2.60 -3.66
N ILE B 102 -8.22 -1.37 -3.76
CA ILE B 102 -7.39 -0.22 -3.42
C ILE B 102 -7.34 -0.05 -1.91
N LEU B 103 -6.12 0.11 -1.40
CA LEU B 103 -5.87 0.21 0.04
C LEU B 103 -5.55 1.63 0.47
N SER B 104 -4.92 2.39 -0.43
CA SER B 104 -4.56 3.78 -0.15
C SER B 104 -4.54 4.60 -1.42
N CYS B 105 -4.85 5.89 -1.29
CA CYS B 105 -4.88 6.80 -2.41
C CYS B 105 -3.97 7.99 -2.15
N HIS B 106 -3.52 8.65 -3.22
CA HIS B 106 -2.69 9.84 -3.07
C HIS B 106 -2.76 10.71 -4.32
N CYS B 107 -2.36 11.97 -4.17
CA CYS B 107 -2.25 12.87 -5.32
C CYS B 107 -0.96 12.57 -6.06
N GLU B 108 -1.06 12.41 -7.37
CA GLU B 108 0.03 11.90 -8.19
C GLU B 108 0.06 12.64 -9.52
N GLU B 109 1.25 12.85 -10.07
CA GLU B 109 1.38 13.56 -11.34
C GLU B 109 0.61 12.85 -12.44
N CYS B 110 -0.11 13.63 -13.25
CA CYS B 110 -0.94 13.11 -14.32
C CYS B 110 -0.19 12.17 -15.24
N ASN B 111 0.99 12.60 -15.68
CA ASN B 111 1.85 11.78 -16.52
C ASN B 111 3.24 11.68 -15.90
N SER B 112 3.49 10.55 -15.25
CA SER B 112 4.72 10.34 -14.49
C SER B 112 5.91 10.19 -15.43
N PRO C 15 -17.57 -4.71 14.87
CA PRO C 15 -17.71 -4.09 16.19
C PRO C 15 -16.49 -4.35 17.06
N ARG C 16 -16.13 -5.61 17.23
CA ARG C 16 -14.89 -5.94 17.90
C ARG C 16 -13.85 -6.47 16.93
N ARG C 17 -14.09 -6.26 15.65
CA ARG C 17 -13.15 -6.72 14.63
C ARG C 17 -11.86 -5.91 14.65
N CYS C 18 -10.86 -6.41 13.93
CA CYS C 18 -9.66 -5.65 13.66
C CYS C 18 -10.02 -4.39 12.90
N MET C 19 -9.80 -3.24 13.52
CA MET C 19 -10.08 -1.95 12.88
C MET C 19 -9.28 -0.82 13.53
N ARG C 20 -9.25 0.32 12.85
CA ARG C 20 -8.54 1.49 13.35
C ARG C 20 -9.27 2.15 14.51
N HIS C 21 -8.50 2.81 15.38
CA HIS C 21 -9.05 3.64 16.44
C HIS C 21 -8.21 4.90 16.55
N HIS C 22 -8.84 6.06 16.36
CA HIS C 22 -8.13 7.32 16.35
C HIS C 22 -8.05 7.94 17.74
N TYR C 23 -7.01 8.75 17.95
CA TYR C 23 -6.75 9.37 19.24
C TYR C 23 -5.67 10.44 19.08
N VAL C 24 -5.75 11.48 19.90
CA VAL C 24 -4.73 12.52 19.91
C VAL C 24 -3.65 12.15 20.91
N ASP C 25 -2.41 12.33 20.50
CA ASP C 25 -1.30 12.06 21.35
C ASP C 25 -0.38 13.22 21.41
N SER C 26 0.20 13.46 22.57
CA SER C 26 1.10 14.55 22.74
C SER C 26 2.49 14.09 22.47
N ILE C 27 3.19 14.80 21.62
CA ILE C 27 4.53 14.43 21.27
C ILE C 27 5.57 15.33 21.91
N SER C 28 6.56 14.69 22.51
CA SER C 28 7.64 15.38 23.19
C SER C 28 8.90 14.54 23.08
N HIS C 29 10.06 15.19 23.10
CA HIS C 29 11.32 14.46 23.13
C HIS C 29 11.54 13.94 24.55
N PRO C 30 12.01 12.69 24.67
CA PRO C 30 12.11 12.08 26.00
C PRO C 30 13.17 12.67 26.92
N LEU C 31 14.10 13.45 26.38
CA LEU C 31 15.25 13.93 27.15
C LEU C 31 15.43 15.44 27.02
N TYR C 32 15.27 15.96 25.80
CA TYR C 32 15.40 17.40 25.56
C TYR C 32 14.18 18.16 26.03
N LYS C 33 14.34 19.48 26.13
CA LYS C 33 13.24 20.38 26.45
C LYS C 33 12.68 21.00 25.18
N CYS C 34 11.46 20.64 24.82
CA CYS C 34 10.81 21.18 23.63
C CYS C 34 9.34 21.49 23.89
N SER C 35 8.78 22.39 23.09
CA SER C 35 7.35 22.66 23.15
C SER C 35 6.58 21.47 22.57
N SER C 36 5.84 20.77 23.42
CA SER C 36 5.09 19.60 22.97
C SER C 36 4.13 19.94 21.84
N LYS C 37 3.96 18.99 20.91
CA LYS C 37 3.01 19.14 19.82
C LYS C 37 2.04 17.98 19.79
N MET C 38 0.75 18.28 19.77
CA MET C 38 -0.28 17.26 19.71
C MET C 38 -0.58 16.93 18.25
N VAL C 39 -0.89 15.66 18.00
CA VAL C 39 -1.10 15.17 16.66
C VAL C 39 -2.16 14.08 16.73
N LEU C 40 -2.86 13.85 15.62
CA LEU C 40 -3.84 12.77 15.57
C LEU C 40 -3.17 11.49 15.09
N LEU C 41 -3.50 10.38 15.72
CA LEU C 41 -2.93 9.08 15.41
C LEU C 41 -4.01 8.02 15.29
N ALA C 42 -3.63 6.88 14.75
CA ALA C 42 -4.50 5.71 14.70
C ALA C 42 -3.75 4.48 15.12
N ARG C 43 -4.47 3.54 15.73
CA ARG C 43 -3.88 2.25 16.12
C ARG C 43 -4.79 1.12 15.67
N CYS C 44 -4.19 -0.03 15.43
CA CYS C 44 -4.95 -1.23 15.13
C CYS C 44 -5.31 -1.96 16.42
N GLU C 45 -6.58 -2.34 16.53
CA GLU C 45 -7.02 -3.16 17.64
C GLU C 45 -8.32 -3.89 17.31
N GLY C 46 -8.34 -5.19 17.56
CA GLY C 46 -9.53 -5.99 17.39
C GLY C 46 -9.29 -7.47 17.62
N HIS C 47 -10.36 -8.26 17.41
CA HIS C 47 -10.31 -9.70 17.57
C HIS C 47 -10.45 -10.39 16.22
N CYS C 48 -9.34 -10.96 15.74
CA CYS C 48 -9.35 -11.69 14.48
C CYS C 48 -10.18 -12.96 14.62
N SER C 49 -10.99 -13.24 13.60
CA SER C 49 -11.91 -14.37 13.66
C SER C 49 -11.16 -15.70 13.64
N GLN C 50 -10.06 -15.76 12.93
CA GLN C 50 -9.37 -17.01 12.77
C GLN C 50 -8.81 -17.50 14.07
N ALA C 51 -8.92 -18.80 14.27
CA ALA C 51 -8.42 -19.46 15.47
C ALA C 51 -6.90 -19.63 15.41
N SER C 52 -6.23 -19.35 16.53
CA SER C 52 -4.80 -19.63 16.64
C SER C 52 -4.61 -21.14 16.76
N ARG C 53 -3.51 -21.65 16.20
CA ARG C 53 -3.22 -23.08 16.25
C ARG C 53 -1.73 -23.34 16.44
N SER C 54 -1.43 -24.53 16.88
CA SER C 54 -0.09 -25.04 16.82
C SER C 54 -0.12 -26.55 16.90
N GLU C 55 0.51 -27.23 15.95
CA GLU C 55 0.62 -28.67 15.99
C GLU C 55 2.10 -29.06 15.97
N PRO C 56 2.41 -30.30 16.37
CA PRO C 56 3.81 -30.72 16.43
C PRO C 56 4.28 -31.28 15.09
N LEU C 57 5.50 -30.94 14.69
CA LEU C 57 6.10 -31.51 13.49
C LEU C 57 7.12 -32.59 13.87
N VAL C 58 7.07 -33.69 13.15
CA VAL C 58 7.97 -34.81 13.41
C VAL C 58 9.25 -34.67 12.61
N SER C 59 10.36 -35.05 13.22
CA SER C 59 11.64 -35.10 12.53
C SER C 59 12.11 -36.55 12.42
N PHE C 60 11.82 -37.16 11.28
CA PHE C 60 12.30 -38.49 10.94
C PHE C 60 13.80 -38.61 11.17
N SER C 61 14.49 -37.47 11.10
CA SER C 61 15.94 -37.41 11.20
C SER C 61 16.37 -36.60 12.42
N THR C 62 17.64 -36.21 12.44
CA THR C 62 18.23 -35.51 13.58
C THR C 62 17.55 -34.19 13.89
N VAL C 63 17.54 -33.85 15.18
CA VAL C 63 16.77 -32.73 15.75
C VAL C 63 16.87 -31.41 14.96
N LEU C 64 15.82 -30.61 15.05
CA LEU C 64 15.74 -29.35 14.31
C LEU C 64 15.19 -28.21 15.19
N LYS C 65 15.01 -27.03 14.60
CA LYS C 65 14.78 -25.79 15.37
C LYS C 65 13.30 -25.46 15.51
N GLN C 66 12.51 -25.90 14.53
CA GLN C 66 11.07 -25.62 14.52
C GLN C 66 10.27 -26.88 14.89
N PRO C 67 10.03 -27.09 16.19
CA PRO C 67 9.25 -28.26 16.62
C PRO C 67 7.77 -28.18 16.26
N PHE C 68 7.26 -26.96 16.13
CA PHE C 68 5.83 -26.74 15.91
C PHE C 68 5.52 -25.96 14.63
N ARG C 69 4.36 -26.27 14.05
CA ARG C 69 3.85 -25.58 12.87
C ARG C 69 2.57 -24.87 13.28
N SER C 70 2.61 -23.54 13.33
CA SER C 70 1.58 -22.75 13.98
C SER C 70 0.95 -21.71 13.07
N SER C 71 -0.25 -21.28 13.46
CA SER C 71 -0.97 -20.22 12.78
C SER C 71 -1.60 -19.31 13.81
N CYS C 72 -1.41 -18.00 13.65
CA CYS C 72 -1.99 -17.02 14.55
C CYS C 72 -2.15 -15.69 13.84
N HIS C 73 -3.36 -15.13 13.92
CA HIS C 73 -3.66 -13.90 13.21
C HIS C 73 -3.72 -12.70 14.16
N CYS C 74 -2.99 -11.65 13.80
CA CYS C 74 -2.89 -10.45 14.62
C CYS C 74 -3.41 -9.24 13.87
N CYS C 75 -4.14 -8.38 14.59
CA CYS C 75 -4.66 -7.16 14.00
C CYS C 75 -3.53 -6.17 13.82
N ARG C 76 -3.07 -6.03 12.58
CA ARG C 76 -1.90 -5.22 12.26
C ARG C 76 -2.20 -4.19 11.19
N PRO C 77 -1.35 -3.15 11.09
CA PRO C 77 -1.48 -2.16 10.02
C PRO C 77 -1.31 -2.80 8.65
N GLN C 78 -2.20 -2.49 7.73
CA GLN C 78 -2.12 -2.99 6.36
C GLN C 78 -1.37 -2.00 5.50
N THR C 79 -1.72 -0.72 5.65
CA THR C 79 -1.02 0.35 4.97
C THR C 79 -0.90 1.52 5.92
N SER C 80 0.08 2.37 5.67
CA SER C 80 0.37 3.51 6.54
C SER C 80 1.16 4.57 5.79
N LYS C 81 1.05 5.80 6.28
CA LYS C 81 1.68 6.95 5.66
C LYS C 81 2.76 7.53 6.58
N LEU C 82 3.97 7.68 6.05
CA LEU C 82 5.07 8.21 6.83
C LEU C 82 4.87 9.70 7.07
N LYS C 83 4.84 10.09 8.34
CA LYS C 83 4.66 11.49 8.72
C LYS C 83 5.95 12.02 9.33
N ALA C 84 6.11 13.34 9.29
CA ALA C 84 7.30 13.99 9.81
C ALA C 84 6.90 15.29 10.50
N LEU C 85 7.42 15.49 11.70
CA LEU C 85 7.05 16.64 12.52
C LEU C 85 8.29 17.31 13.11
N ARG C 86 8.39 18.62 12.92
CA ARG C 86 9.51 19.40 13.46
C ARG C 86 9.16 20.03 14.82
N LEU C 87 9.97 19.70 15.83
CA LEU C 87 9.80 20.27 17.16
C LEU C 87 10.82 21.38 17.40
N ARG C 88 10.37 22.44 18.05
CA ARG C 88 11.24 23.55 18.43
C ARG C 88 11.65 23.39 19.88
N CYS C 89 12.95 23.21 20.10
CA CYS C 89 13.48 22.85 21.40
C CYS C 89 14.28 23.99 22.04
N SER C 90 14.37 23.94 23.37
CA SER C 90 14.86 25.05 24.17
C SER C 90 16.17 25.68 23.68
N GLY C 91 17.20 24.86 23.50
CA GLY C 91 18.51 25.38 23.15
C GLY C 91 18.62 25.87 21.72
N GLY C 92 17.60 26.59 21.25
CA GLY C 92 17.53 27.01 19.86
C GLY C 92 17.63 25.80 18.95
N MET C 93 17.19 24.65 19.47
CA MET C 93 17.33 23.38 18.78
C MET C 93 16.10 23.05 17.96
N ARG C 94 16.31 22.37 16.84
CA ARG C 94 15.24 21.99 15.94
C ARG C 94 15.33 20.49 15.68
N LEU C 95 14.27 19.76 16.01
CA LEU C 95 14.27 18.31 15.98
C LEU C 95 13.09 17.77 15.21
N THR C 96 13.33 16.70 14.44
CA THR C 96 12.29 16.10 13.62
C THR C 96 11.81 14.78 14.20
N ALA C 97 10.53 14.70 14.53
CA ALA C 97 9.90 13.46 14.94
C ALA C 97 9.24 12.81 13.72
N THR C 98 9.35 11.49 13.61
CA THR C 98 8.71 10.76 12.52
C THR C 98 7.89 9.61 13.06
N TYR C 99 6.79 9.33 12.39
CA TYR C 99 5.87 8.27 12.79
C TYR C 99 5.02 7.91 11.59
N ARG C 100 4.39 6.74 11.63
CA ARG C 100 3.55 6.31 10.52
C ARG C 100 2.08 6.45 10.88
N TYR C 101 1.34 7.17 10.04
CA TYR C 101 -0.11 7.27 10.20
C TYR C 101 -0.77 6.06 9.55
N ILE C 102 -1.40 5.23 10.38
CA ILE C 102 -2.04 4.01 9.90
C ILE C 102 -3.37 4.32 9.21
N LEU C 103 -3.58 3.69 8.06
CA LEU C 103 -4.73 3.98 7.22
C LEU C 103 -5.70 2.79 7.17
N SER C 104 -5.14 1.59 7.18
CA SER C 104 -5.93 0.36 7.19
C SER C 104 -5.30 -0.69 8.08
N CYS C 105 -6.13 -1.37 8.85
CA CYS C 105 -5.69 -2.49 9.68
C CYS C 105 -6.22 -3.78 9.09
N HIS C 106 -5.52 -4.89 9.33
CA HIS C 106 -5.98 -6.18 8.87
C HIS C 106 -5.36 -7.32 9.68
N CYS C 107 -5.97 -8.50 9.60
CA CYS C 107 -5.51 -9.66 10.32
C CYS C 107 -4.53 -10.45 9.46
N GLU C 108 -3.30 -10.62 9.96
CA GLU C 108 -2.27 -11.36 9.24
C GLU C 108 -1.49 -12.30 10.16
N GLU C 109 -0.84 -13.28 9.54
CA GLU C 109 -0.04 -14.26 10.28
C GLU C 109 1.00 -13.59 11.18
N CYS C 110 1.21 -14.19 12.35
CA CYS C 110 2.02 -13.58 13.39
C CYS C 110 3.49 -13.45 12.99
N ASN C 111 4.04 -14.49 12.37
CA ASN C 111 5.47 -14.52 12.03
C ASN C 111 5.71 -14.18 10.57
N SER C 112 4.83 -14.66 9.68
CA SER C 112 4.97 -14.41 8.25
C SER C 112 4.40 -13.04 7.88
N PRO D 15 -15.56 -22.78 25.93
CA PRO D 15 -16.43 -23.15 24.81
C PRO D 15 -15.65 -23.29 23.50
N ARG D 16 -14.72 -22.37 23.25
CA ARG D 16 -13.82 -22.46 22.09
C ARG D 16 -12.47 -21.85 22.43
N ARG D 17 -12.19 -21.69 23.71
CA ARG D 17 -10.97 -21.05 24.19
C ARG D 17 -9.73 -21.85 23.77
N CYS D 18 -8.56 -21.37 24.16
CA CYS D 18 -7.33 -22.09 23.88
C CYS D 18 -7.28 -23.37 24.69
N MET D 19 -7.60 -24.49 24.05
CA MET D 19 -7.58 -25.79 24.72
C MET D 19 -6.81 -26.83 23.92
N ARG D 20 -6.27 -27.81 24.63
CA ARG D 20 -5.63 -28.95 24.01
C ARG D 20 -6.62 -29.76 23.18
N HIS D 21 -6.09 -30.52 22.22
CA HIS D 21 -6.90 -31.42 21.42
C HIS D 21 -6.08 -32.67 21.11
N HIS D 22 -6.65 -33.84 21.37
CA HIS D 22 -5.94 -35.10 21.18
C HIS D 22 -6.36 -35.76 19.88
N TYR D 23 -5.38 -36.34 19.20
CA TYR D 23 -5.60 -37.00 17.93
C TYR D 23 -4.49 -38.02 17.70
N VAL D 24 -4.72 -38.94 16.77
CA VAL D 24 -3.73 -39.95 16.43
C VAL D 24 -3.38 -39.89 14.94
N ASP D 25 -2.12 -40.13 14.62
CA ASP D 25 -1.63 -40.05 13.25
C ASP D 25 -0.56 -41.10 13.00
N SER D 26 -0.30 -41.40 11.74
CA SER D 26 0.69 -42.40 11.34
C SER D 26 1.95 -41.70 10.82
N ILE D 27 3.06 -42.42 10.77
CA ILE D 27 4.39 -41.81 10.90
C ILE D 27 5.37 -42.05 9.75
N SER D 28 5.06 -42.99 8.85
CA SER D 28 6.00 -43.48 7.82
C SER D 28 6.96 -42.43 7.25
N HIS D 29 8.24 -42.79 7.20
CA HIS D 29 9.30 -41.96 6.63
C HIS D 29 8.91 -41.45 5.24
N PRO D 30 9.21 -40.17 4.93
CA PRO D 30 8.69 -39.58 3.69
C PRO D 30 9.12 -40.30 2.41
N LEU D 31 10.43 -40.42 2.17
CA LEU D 31 10.92 -40.97 0.92
C LEU D 31 11.41 -42.42 1.09
N TYR D 32 12.09 -42.71 2.19
CA TYR D 32 12.35 -44.09 2.55
C TYR D 32 11.02 -44.78 2.83
N LYS D 33 10.81 -45.94 2.23
CA LYS D 33 9.71 -46.81 2.62
C LYS D 33 10.08 -47.38 3.99
N CYS D 34 9.10 -47.42 4.90
CA CYS D 34 9.34 -47.92 6.25
C CYS D 34 8.04 -48.43 6.87
N SER D 35 8.18 -49.24 7.92
CA SER D 35 7.02 -49.69 8.69
C SER D 35 6.40 -48.49 9.38
N SER D 36 5.10 -48.32 9.20
CA SER D 36 4.39 -47.16 9.73
C SER D 36 3.51 -47.56 10.91
N LYS D 37 3.81 -46.99 12.06
CA LYS D 37 3.01 -47.21 13.26
C LYS D 37 1.96 -46.12 13.39
N MET D 38 1.24 -46.15 14.50
CA MET D 38 0.32 -45.09 14.87
C MET D 38 0.71 -44.57 16.24
N VAL D 39 0.42 -43.30 16.49
CA VAL D 39 0.80 -42.66 17.74
C VAL D 39 -0.27 -41.66 18.13
N LEU D 40 -0.34 -41.35 19.42
CA LEU D 40 -1.24 -40.32 19.91
C LEU D 40 -0.48 -39.00 20.00
N LEU D 41 -1.15 -37.93 19.58
CA LEU D 41 -0.57 -36.59 19.63
C LEU D 41 -1.57 -35.59 20.19
N ALA D 42 -1.05 -34.47 20.68
CA ALA D 42 -1.87 -33.37 21.14
C ALA D 42 -1.61 -32.15 20.27
N ARG D 43 -2.53 -31.19 20.29
CA ARG D 43 -2.35 -29.94 19.56
C ARG D 43 -3.08 -28.81 20.23
N CYS D 44 -2.51 -27.61 20.13
CA CYS D 44 -3.14 -26.42 20.68
C CYS D 44 -4.05 -25.81 19.63
N GLU D 45 -5.16 -25.24 20.08
CA GLU D 45 -6.12 -24.62 19.19
C GLU D 45 -7.16 -23.85 19.99
N GLY D 46 -7.70 -22.79 19.39
CA GLY D 46 -8.74 -22.00 20.01
C GLY D 46 -8.52 -20.51 19.83
N HIS D 47 -9.45 -19.72 20.35
CA HIS D 47 -9.41 -18.27 20.22
C HIS D 47 -9.01 -17.61 21.54
N CYS D 48 -7.79 -17.08 21.58
CA CYS D 48 -7.34 -16.28 22.71
C CYS D 48 -8.27 -15.09 22.89
N SER D 49 -8.50 -14.69 24.12
CA SER D 49 -9.52 -13.70 24.43
C SER D 49 -8.99 -12.27 24.30
N GLN D 50 -7.71 -12.08 24.57
CA GLN D 50 -7.11 -10.75 24.55
C GLN D 50 -7.14 -10.19 23.14
N ALA D 51 -7.58 -8.95 23.01
CA ALA D 51 -7.55 -8.28 21.73
C ALA D 51 -6.11 -8.10 21.26
N SER D 52 -5.89 -8.26 19.96
CA SER D 52 -4.59 -7.99 19.34
C SER D 52 -4.51 -6.48 19.08
N ARG D 53 -3.30 -5.94 18.98
CA ARG D 53 -3.16 -4.53 18.69
C ARG D 53 -1.79 -4.15 18.17
N SER D 54 -1.73 -2.98 17.55
CA SER D 54 -0.49 -2.42 17.04
C SER D 54 -0.64 -0.90 16.96
N GLU D 55 0.34 -0.17 17.49
CA GLU D 55 0.28 1.29 17.51
C GLU D 55 1.63 1.88 17.12
N PRO D 56 1.63 3.08 16.55
CA PRO D 56 2.86 3.64 15.99
C PRO D 56 3.85 4.12 17.05
N LEU D 57 5.14 4.00 16.75
CA LEU D 57 6.19 4.51 17.61
C LEU D 57 6.72 5.82 17.06
N VAL D 58 7.09 6.73 17.96
CA VAL D 58 7.70 7.99 17.57
C VAL D 58 9.22 7.83 17.60
N SER D 59 9.89 8.29 16.56
CA SER D 59 11.35 8.23 16.49
C SER D 59 11.90 9.58 16.07
N PHE D 60 13.02 9.96 16.66
CA PHE D 60 13.67 11.22 16.34
C PHE D 60 14.88 11.00 15.45
N SER D 61 15.19 9.72 15.19
CA SER D 61 16.22 9.36 14.23
C SER D 61 15.85 9.86 12.83
N THR D 62 16.81 9.83 11.92
CA THR D 62 16.56 10.20 10.53
C THR D 62 15.65 9.18 9.85
N VAL D 63 15.50 8.02 10.48
CA VAL D 63 14.78 6.89 9.91
C VAL D 63 14.01 6.13 10.99
N LEU D 64 12.92 5.49 10.59
CA LEU D 64 12.01 4.81 11.52
C LEU D 64 12.11 3.29 11.34
N LYS D 65 13.08 2.70 12.03
CA LYS D 65 13.41 1.29 11.87
C LYS D 65 12.35 0.34 12.42
N GLN D 66 11.81 0.68 13.59
CA GLN D 66 10.74 -0.09 14.22
C GLN D 66 9.52 0.82 14.42
N PRO D 67 8.59 0.81 13.46
CA PRO D 67 7.49 1.78 13.50
C PRO D 67 6.33 1.43 14.42
N PHE D 68 6.18 0.15 14.78
CA PHE D 68 4.99 -0.27 15.53
C PHE D 68 5.30 -1.12 16.77
N ARG D 69 4.60 -0.81 17.85
CA ARG D 69 4.55 -1.63 19.05
C ARG D 69 3.25 -2.44 19.05
N SER D 70 3.36 -3.76 18.99
CA SER D 70 2.19 -4.63 18.85
C SER D 70 2.11 -5.71 19.93
N SER D 71 0.88 -6.19 20.14
CA SER D 71 0.61 -7.30 21.04
C SER D 71 -0.39 -8.24 20.38
N CYS D 72 -0.09 -9.54 20.40
CA CYS D 72 -0.96 -10.54 19.82
C CYS D 72 -0.81 -11.87 20.56
N HIS D 73 -1.93 -12.41 21.02
CA HIS D 73 -1.90 -13.66 21.79
C HIS D 73 -2.33 -14.86 20.94
N CYS D 74 -1.50 -15.89 20.95
CA CYS D 74 -1.71 -17.09 20.14
C CYS D 74 -1.85 -18.31 21.04
N CYS D 75 -2.88 -19.11 20.81
CA CYS D 75 -3.03 -20.39 21.50
C CYS D 75 -1.81 -21.24 21.16
N ARG D 76 -0.87 -21.30 22.10
CA ARG D 76 0.41 -21.97 21.88
C ARG D 76 0.63 -23.13 22.84
N PRO D 77 1.67 -23.95 22.59
CA PRO D 77 2.08 -24.98 23.53
C PRO D 77 2.83 -24.37 24.71
N GLN D 78 2.54 -24.85 25.91
CA GLN D 78 3.12 -24.33 27.14
C GLN D 78 4.10 -25.33 27.75
N THR D 79 3.66 -26.59 27.79
CA THR D 79 4.44 -27.69 28.33
C THR D 79 4.64 -28.76 27.26
N SER D 80 5.92 -29.06 26.99
CA SER D 80 6.27 -29.95 25.88
C SER D 80 7.06 -31.17 26.34
N LYS D 81 6.40 -32.33 26.35
CA LYS D 81 7.06 -33.60 26.65
C LYS D 81 7.68 -34.22 25.40
N LEU D 82 9.01 -34.20 25.31
CA LEU D 82 9.68 -34.81 24.17
C LEU D 82 9.55 -36.33 24.23
N LYS D 83 9.02 -36.93 23.15
CA LYS D 83 8.94 -38.37 23.03
C LYS D 83 9.56 -38.82 21.73
N ALA D 84 10.45 -39.80 21.82
CA ALA D 84 11.10 -40.36 20.65
C ALA D 84 10.30 -41.54 20.13
N LEU D 85 10.73 -42.09 18.99
CA LEU D 85 10.09 -43.26 18.41
C LEU D 85 11.03 -44.02 17.50
N ARG D 86 11.21 -45.31 17.79
CA ARG D 86 12.06 -46.18 16.98
C ARG D 86 11.21 -47.04 16.06
N LEU D 87 11.18 -46.68 14.77
CA LEU D 87 10.41 -47.41 13.76
C LEU D 87 11.31 -48.40 13.03
N ARG D 88 10.75 -49.52 12.58
CA ARG D 88 11.51 -50.51 11.83
C ARG D 88 11.41 -50.21 10.33
N CYS D 89 12.45 -49.57 9.78
CA CYS D 89 12.41 -49.11 8.40
C CYS D 89 12.77 -50.21 7.40
N SER D 90 12.44 -49.95 6.13
CA SER D 90 12.72 -50.90 5.05
C SER D 90 14.21 -51.13 4.86
N GLY D 91 14.60 -52.40 4.74
CA GLY D 91 15.98 -52.78 4.49
C GLY D 91 16.97 -52.04 5.36
N GLY D 92 16.60 -51.83 6.62
CA GLY D 92 17.45 -51.14 7.57
C GLY D 92 17.16 -51.39 9.04
N MET D 93 16.21 -52.27 9.34
CA MET D 93 15.72 -52.47 10.69
C MET D 93 15.27 -51.13 11.29
N ARG D 94 15.87 -50.70 12.40
CA ARG D 94 15.32 -49.57 13.16
C ARG D 94 15.58 -48.24 12.46
N LEU D 95 14.72 -47.27 12.75
CA LEU D 95 14.93 -45.88 12.37
C LEU D 95 14.28 -45.01 13.44
N THR D 96 14.99 -43.97 13.88
CA THR D 96 14.53 -43.17 15.00
C THR D 96 13.92 -41.85 14.54
N ALA D 97 12.84 -41.45 15.21
CA ALA D 97 12.16 -40.19 14.90
C ALA D 97 11.97 -39.39 16.17
N THR D 98 11.68 -38.10 16.03
CA THR D 98 11.57 -37.20 17.18
C THR D 98 10.46 -36.17 17.03
N TYR D 99 9.83 -35.84 18.16
CA TYR D 99 8.76 -34.85 18.21
C TYR D 99 8.44 -34.54 19.68
N ARG D 100 8.03 -33.30 19.96
CA ARG D 100 7.61 -32.93 21.30
C ARG D 100 6.12 -33.16 21.48
N TYR D 101 5.77 -33.80 22.59
CA TYR D 101 4.37 -34.07 22.93
C TYR D 101 3.82 -32.91 23.76
N ILE D 102 2.67 -32.39 23.33
CA ILE D 102 2.08 -31.22 23.95
C ILE D 102 1.30 -31.60 25.21
N LEU D 103 1.64 -30.97 26.32
CA LEU D 103 1.08 -31.32 27.63
C LEU D 103 0.06 -30.29 28.12
N SER D 104 0.36 -29.00 27.97
CA SER D 104 -0.58 -27.93 28.33
C SER D 104 -0.49 -26.79 27.32
N CYS D 105 -1.65 -26.27 26.93
CA CYS D 105 -1.74 -25.17 25.97
C CYS D 105 -2.14 -23.88 26.67
N HIS D 106 -1.64 -22.75 26.18
CA HIS D 106 -2.02 -21.45 26.74
C HIS D 106 -1.78 -20.34 25.73
N CYS D 107 -2.41 -19.19 25.98
CA CYS D 107 -2.25 -18.03 25.12
C CYS D 107 -1.02 -17.22 25.50
N GLU D 108 -0.12 -17.01 24.55
CA GLU D 108 1.09 -16.22 24.79
C GLU D 108 1.38 -15.28 23.63
N GLU D 109 2.26 -14.32 23.87
CA GLU D 109 2.61 -13.31 22.88
C GLU D 109 3.16 -13.94 21.60
N CYS D 110 2.89 -13.30 20.47
CA CYS D 110 3.23 -13.85 19.16
C CYS D 110 4.73 -13.83 18.88
N ASN D 111 5.40 -12.75 19.30
CA ASN D 111 6.85 -12.63 19.12
C ASN D 111 7.55 -12.57 20.47
N SER D 112 8.00 -13.74 20.94
CA SER D 112 8.71 -13.83 22.20
C SER D 112 10.20 -13.63 21.98
#